data_2UYN
#
_entry.id   2UYN
#
_cell.length_a   72.581
_cell.length_b   85.901
_cell.length_c   62.661
_cell.angle_alpha   90.00
_cell.angle_beta   90.00
_cell.angle_gamma   90.00
#
_symmetry.space_group_name_H-M   'P 21 21 2'
#
loop_
_entity.id
_entity.type
_entity.pdbx_description
1 polymer 'PROTEIN TDCF'
2 polymer 'PROTEIN TDCF'
3 non-polymer '2-KETOBUTYRIC ACID'
4 water water
#
loop_
_entity_poly.entity_id
_entity_poly.type
_entity_poly.pdbx_seq_one_letter_code
_entity_poly.pdbx_strand_id
1 'polypeptide(L)'
;MKKIIETQRAPGAIGPYVQGVDLGSMVFTSGQIPV(OCS)PQTGEIPADVQDQARLSLENV(KCX)AIVVAAGLSVGDII
KMTVFITDLNDFATINEVYKQFFDEHQATYPTRSCVQVARLPKDVKLEIEAIAVRSA
;
A
2 'polypeptide(L)'
;MKKIIETQRAPGAIGPYVQGVDLGSMVFTSGQIPV(OCS)PQTGEIPADVQDQARLSLENVKAIVVAAGLSVGDIIKMTV
FITDLNDFATINEVYKQFFDEHQATYPTRSCVQVARLPKDVKLEIEAIAVRSA
;
B,C
#
loop_
_chem_comp.id
_chem_comp.type
_chem_comp.name
_chem_comp.formula
2KT non-polymer '2-KETOBUTYRIC ACID' 'C4 H6 O3'
#
# COMPACT_ATOMS: atom_id res chain seq x y z
N LYS A 2 3.96 1.57 -20.38
CA LYS A 2 4.92 1.89 -19.27
C LYS A 2 5.95 2.91 -19.75
N LYS A 3 6.04 4.02 -19.05
CA LYS A 3 7.08 4.99 -19.25
C LYS A 3 7.69 5.29 -17.87
N ILE A 4 9.01 5.24 -17.77
CA ILE A 4 9.71 5.63 -16.54
C ILE A 4 9.71 7.15 -16.37
N ILE A 5 9.40 7.61 -15.15
CA ILE A 5 9.51 9.04 -14.82
C ILE A 5 10.84 9.31 -14.13
N GLU A 6 11.59 10.27 -14.65
CA GLU A 6 12.86 10.60 -14.06
C GLU A 6 12.93 12.14 -14.00
N THR A 7 13.23 12.67 -12.82
CA THR A 7 13.37 14.10 -12.64
C THR A 7 14.47 14.44 -11.65
N GLN A 8 15.26 15.48 -11.96
CA GLN A 8 16.25 15.99 -11.00
C GLN A 8 15.63 16.81 -9.85
N ARG A 9 14.33 17.07 -9.96
CA ARG A 9 13.59 17.82 -8.92
C ARG A 9 13.11 16.97 -7.72
N ALA A 10 13.34 15.66 -7.80
CA ALA A 10 13.17 14.73 -6.68
C ALA A 10 14.47 13.97 -6.51
N PRO A 11 14.77 13.46 -5.29
CA PRO A 11 16.09 12.80 -5.10
C PRO A 11 16.27 11.58 -6.03
N GLY A 12 17.48 11.37 -6.50
CA GLY A 12 17.76 10.19 -7.33
C GLY A 12 17.60 8.91 -6.52
N ALA A 13 17.23 7.83 -7.19
CA ALA A 13 17.09 6.52 -6.52
C ALA A 13 18.40 6.06 -5.86
N ILE A 14 18.33 5.69 -4.58
CA ILE A 14 19.46 5.01 -3.90
C ILE A 14 19.17 3.52 -3.67
N GLY A 15 18.64 2.91 -4.72
CA GLY A 15 18.30 1.51 -4.72
C GLY A 15 17.63 1.16 -6.03
N PRO A 16 17.30 -0.13 -6.21
CA PRO A 16 16.79 -0.67 -7.46
C PRO A 16 15.29 -0.33 -7.62
N TYR A 17 15.01 0.95 -7.87
CA TYR A 17 13.66 1.43 -8.15
C TYR A 17 13.76 2.67 -9.04
N VAL A 18 12.66 2.99 -9.72
CA VAL A 18 12.53 4.26 -10.42
C VAL A 18 11.63 5.21 -9.62
N GLN A 19 11.76 6.52 -9.85
CA GLN A 19 10.98 7.52 -9.10
C GLN A 19 9.48 7.41 -9.36
N GLY A 20 9.12 7.14 -10.62
CA GLY A 20 7.69 7.09 -10.98
C GLY A 20 7.53 6.25 -12.22
N VAL A 21 6.31 5.78 -12.44
CA VAL A 21 5.95 5.10 -13.71
C VAL A 21 4.63 5.68 -14.20
N ASP A 22 4.56 5.95 -15.50
CA ASP A 22 3.39 6.58 -16.09
C ASP A 22 2.76 5.53 -17.01
N LEU A 23 1.54 5.11 -16.67
CA LEU A 23 0.83 4.08 -17.43
C LEU A 23 -0.11 4.69 -18.46
N GLY A 24 -0.10 6.01 -18.58
CA GLY A 24 -1.08 6.73 -19.42
C GLY A 24 -2.22 7.26 -18.56
N SER A 25 -3.12 6.37 -18.19
CA SER A 25 -4.28 6.68 -17.36
C SER A 25 -3.89 7.02 -15.91
N MET A 26 -2.80 6.45 -15.44
CA MET A 26 -2.47 6.50 -14.02
C MET A 26 -0.97 6.59 -13.86
N VAL A 27 -0.53 7.32 -12.83
CA VAL A 27 0.88 7.45 -12.50
C VAL A 27 1.07 6.92 -11.06
N PHE A 28 2.09 6.09 -10.88
CA PHE A 28 2.51 5.64 -9.54
C PHE A 28 3.84 6.27 -9.20
N THR A 29 4.00 6.71 -7.94
CA THR A 29 5.32 7.14 -7.47
C THR A 29 5.89 6.10 -6.49
N SER A 30 7.22 6.06 -6.42
CA SER A 30 7.88 5.39 -5.28
C SER A 30 7.57 6.13 -3.98
N GLY A 31 7.80 5.46 -2.84
CA GLY A 31 7.64 6.15 -1.55
C GLY A 31 8.67 7.25 -1.41
N GLN A 32 8.20 8.49 -1.29
CA GLN A 32 9.10 9.65 -1.22
C GLN A 32 9.46 9.96 0.21
N ILE A 33 10.76 10.03 0.45
CA ILE A 33 11.29 10.41 1.76
C ILE A 33 11.85 11.84 1.75
N PRO A 34 11.98 12.45 2.92
CA PRO A 34 12.45 13.85 3.01
C PRO A 34 13.95 13.99 2.84
N VAL A 35 14.42 13.62 1.65
CA VAL A 35 15.79 13.87 1.24
C VAL A 35 15.79 15.02 0.24
N OCS A 36 16.64 16.00 0.49
CA OCS A 36 16.65 17.16 -0.37
CB OCS A 36 17.38 18.29 0.36
SG OCS A 36 17.31 19.86 -0.47
C OCS A 36 17.32 16.81 -1.73
O OCS A 36 18.39 16.22 -1.75
OD1 OCS A 36 17.85 20.85 0.43
OD2 OCS A 36 18.12 19.81 -1.65
OD3 OCS A 36 15.97 20.23 -0.76
N PRO A 37 16.63 17.09 -2.87
CA PRO A 37 17.13 16.66 -4.19
C PRO A 37 18.44 17.30 -4.62
N GLN A 38 18.70 18.50 -4.11
CA GLN A 38 19.94 19.18 -4.46
C GLN A 38 21.13 18.80 -3.56
N THR A 39 20.89 18.61 -2.25
CA THR A 39 22.00 18.43 -1.32
C THR A 39 22.10 17.05 -0.69
N GLY A 40 21.02 16.28 -0.74
CA GLY A 40 20.97 14.97 -0.11
C GLY A 40 20.66 15.00 1.39
N GLU A 41 20.51 16.21 1.95
CA GLU A 41 20.32 16.35 3.41
C GLU A 41 18.89 16.02 3.81
N ILE A 42 18.73 15.58 5.06
CA ILE A 42 17.40 15.35 5.61
C ILE A 42 17.19 16.42 6.69
N PRO A 43 16.15 17.25 6.55
CA PRO A 43 15.89 18.30 7.55
C PRO A 43 15.51 17.67 8.87
N ALA A 44 15.91 18.29 9.97
CA ALA A 44 15.65 17.68 11.27
C ALA A 44 14.19 17.75 11.72
N ASP A 45 13.51 18.86 11.43
CA ASP A 45 12.17 19.14 11.97
C ASP A 45 11.11 18.37 11.21
N VAL A 46 10.18 17.76 11.93
CA VAL A 46 9.12 17.01 11.25
C VAL A 46 8.27 17.89 10.29
N GLN A 47 8.08 19.17 10.61
CA GLN A 47 7.31 20.04 9.71
C GLN A 47 8.04 20.13 8.35
N ASP A 48 9.35 20.27 8.43
CA ASP A 48 10.17 20.43 7.23
C ASP A 48 10.28 19.09 6.48
N GLN A 49 10.37 17.99 7.23
CA GLN A 49 10.33 16.68 6.55
C GLN A 49 9.03 16.45 5.80
N ALA A 50 7.91 16.75 6.44
CA ALA A 50 6.61 16.55 5.82
C ALA A 50 6.52 17.36 4.53
N ARG A 51 6.92 18.63 4.59
CA ARG A 51 6.85 19.48 3.41
C ARG A 51 7.71 18.95 2.29
N LEU A 52 8.94 18.53 2.61
CA LEU A 52 9.90 18.04 1.61
C LEU A 52 9.43 16.72 0.96
N SER A 53 8.89 15.81 1.76
CA SER A 53 8.34 14.55 1.21
C SER A 53 7.28 14.88 0.21
N LEU A 54 6.40 15.81 0.56
CA LEU A 54 5.30 16.21 -0.33
C LEU A 54 5.82 16.89 -1.61
N GLU A 55 6.85 17.73 -1.47
CA GLU A 55 7.41 18.38 -2.67
C GLU A 55 8.08 17.36 -3.61
N ASN A 56 8.67 16.33 -3.02
CA ASN A 56 9.25 15.25 -3.82
C ASN A 56 8.19 14.48 -4.60
N VAL A 57 7.05 14.19 -3.96
CA VAL A 57 5.91 13.62 -4.68
C VAL A 57 5.45 14.59 -5.82
N KCX A 58 5.29 15.86 -5.49
CA KCX A 58 4.87 16.86 -6.49
CB KCX A 58 4.78 18.25 -5.85
CG KCX A 58 4.51 19.33 -6.95
CD KCX A 58 4.22 20.73 -6.43
CE KCX A 58 5.22 21.14 -5.40
NZ KCX A 58 5.09 22.61 -5.11
NZ KCX A 58 5.26 22.64 -5.26
C KCX A 58 5.80 16.84 -7.70
O KCX A 58 5.34 16.81 -8.86
CX KCX A 58 5.86 23.56 -5.65
CX KCX A 58 4.46 23.40 -4.51
OQ1 KCX A 58 5.65 24.73 -5.31
OQ1 KCX A 58 4.61 24.64 -4.48
OQ2 KCX A 58 6.75 23.30 -6.47
OQ2 KCX A 58 3.53 22.91 -3.83
N ALA A 59 7.12 16.82 -7.45
CA ALA A 59 8.10 16.83 -8.55
C ALA A 59 7.89 15.67 -9.53
N ILE A 60 7.60 14.49 -9.00
CA ILE A 60 7.45 13.32 -9.84
C ILE A 60 6.16 13.38 -10.65
N VAL A 61 5.07 13.79 -10.00
CA VAL A 61 3.76 13.90 -10.67
C VAL A 61 3.82 14.98 -11.77
N VAL A 62 4.49 16.08 -11.46
CA VAL A 62 4.69 17.16 -12.44
C VAL A 62 5.51 16.68 -13.64
N ALA A 63 6.56 15.90 -13.37
CA ALA A 63 7.43 15.38 -14.45
C ALA A 63 6.67 14.43 -15.40
N ALA A 64 5.55 13.90 -14.91
CA ALA A 64 4.67 13.05 -15.72
C ALA A 64 3.66 13.88 -16.49
N GLY A 65 3.68 15.19 -16.31
CA GLY A 65 2.67 16.04 -16.96
C GLY A 65 1.37 16.23 -16.20
N LEU A 66 1.40 15.91 -14.91
CA LEU A 66 0.24 16.03 -14.05
C LEU A 66 0.51 17.13 -13.00
N SER A 67 -0.39 17.27 -12.04
CA SER A 67 -0.16 18.19 -10.93
C SER A 67 -0.72 17.59 -9.65
N VAL A 68 -0.53 18.29 -8.54
CA VAL A 68 -0.96 17.77 -7.21
C VAL A 68 -2.46 17.41 -7.18
N GLY A 69 -3.29 18.19 -7.87
CA GLY A 69 -4.75 17.94 -7.95
C GLY A 69 -5.16 16.63 -8.63
N ASP A 70 -4.20 15.97 -9.28
CA ASP A 70 -4.47 14.72 -9.98
C ASP A 70 -4.19 13.52 -9.07
N ILE A 71 -3.64 13.77 -7.88
CA ILE A 71 -3.36 12.68 -6.91
C ILE A 71 -4.67 12.21 -6.28
N ILE A 72 -4.91 10.90 -6.32
CA ILE A 72 -6.18 10.35 -5.81
C ILE A 72 -6.01 9.44 -4.61
N LYS A 73 -4.79 8.97 -4.36
CA LYS A 73 -4.53 8.12 -3.16
C LYS A 73 -3.10 8.33 -2.70
N MET A 74 -2.90 8.51 -1.40
CA MET A 74 -1.55 8.52 -0.83
C MET A 74 -1.52 7.54 0.33
N THR A 75 -0.33 6.97 0.58
CA THR A 75 -0.12 6.28 1.86
C THR A 75 1.01 7.00 2.54
N VAL A 76 0.80 7.37 3.82
CA VAL A 76 1.77 8.14 4.59
C VAL A 76 2.26 7.20 5.69
N PHE A 77 3.47 6.64 5.52
CA PHE A 77 4.04 5.80 6.56
C PHE A 77 4.85 6.73 7.46
N ILE A 78 4.65 6.67 8.78
CA ILE A 78 5.34 7.61 9.68
C ILE A 78 5.95 6.87 10.85
N THR A 79 6.87 7.52 11.56
CA THR A 79 7.50 6.84 12.69
C THR A 79 6.91 7.25 14.05
N ASP A 80 6.08 8.30 14.08
CA ASP A 80 5.51 8.73 15.36
C ASP A 80 4.17 9.45 15.18
N LEU A 81 3.08 8.79 15.57
CA LEU A 81 1.76 9.39 15.48
C LEU A 81 1.59 10.65 16.31
N ASN A 82 2.49 10.92 17.24
CA ASN A 82 2.40 12.20 17.97
C ASN A 82 2.77 13.37 17.06
N ASP A 83 3.42 13.06 15.93
CA ASP A 83 3.67 14.02 14.84
C ASP A 83 2.43 14.28 13.94
N PHE A 84 1.36 13.51 14.11
CA PHE A 84 0.19 13.48 13.18
C PHE A 84 -0.36 14.89 12.97
N ALA A 85 -0.53 15.65 14.05
CA ALA A 85 -1.19 16.98 13.92
C ALA A 85 -0.35 17.88 13.06
N THR A 86 0.97 17.89 13.31
CA THR A 86 1.88 18.76 12.53
C THR A 86 1.95 18.33 11.08
N ILE A 87 2.09 17.03 10.87
CA ILE A 87 2.13 16.49 9.52
C ILE A 87 0.84 16.85 8.80
N ASN A 88 -0.29 16.70 9.50
CA ASN A 88 -1.58 16.98 8.85
C ASN A 88 -1.71 18.46 8.47
N GLU A 89 -1.18 19.34 9.32
CA GLU A 89 -1.30 20.76 8.98
C GLU A 89 -0.47 21.10 7.74
N VAL A 90 0.72 20.52 7.64
CA VAL A 90 1.58 20.73 6.47
C VAL A 90 0.91 20.14 5.24
N TYR A 91 0.39 18.94 5.40
CA TYR A 91 -0.29 18.22 4.31
C TYR A 91 -1.53 18.97 3.81
N LYS A 92 -2.38 19.41 4.74
CA LYS A 92 -3.57 20.22 4.37
C LYS A 92 -3.15 21.48 3.63
N GLN A 93 -2.15 22.19 4.17
CA GLN A 93 -1.71 23.45 3.53
C GLN A 93 -1.16 23.21 2.12
N PHE A 94 -0.47 22.08 1.96
CA PHE A 94 0.10 21.72 0.66
C PHE A 94 -0.99 21.56 -0.39
N PHE A 95 -2.02 20.77 -0.09
CA PHE A 95 -3.13 20.59 -1.03
C PHE A 95 -3.93 21.87 -1.22
N ASP A 96 -4.18 22.58 -0.11
CA ASP A 96 -4.94 23.84 -0.20
C ASP A 96 -4.22 24.85 -1.10
N GLU A 97 -2.90 24.93 -0.97
CA GLU A 97 -2.03 25.85 -1.75
C GLU A 97 -2.23 25.67 -3.25
N HIS A 98 -2.48 24.42 -3.65
CA HIS A 98 -2.57 24.02 -5.04
C HIS A 98 -4.03 23.89 -5.46
N GLN A 99 -4.92 24.42 -4.62
CA GLN A 99 -6.37 24.36 -4.85
C GLN A 99 -6.80 22.95 -5.26
N ALA A 100 -6.29 21.97 -4.50
CA ALA A 100 -6.46 20.53 -4.80
C ALA A 100 -7.35 19.87 -3.76
N THR A 101 -8.34 19.10 -4.24
CA THR A 101 -9.19 18.23 -3.43
C THR A 101 -8.27 17.23 -2.71
N TYR A 102 -8.58 16.91 -1.47
CA TYR A 102 -7.75 15.94 -0.73
C TYR A 102 -7.91 14.52 -1.29
N PRO A 103 -6.77 13.82 -1.50
CA PRO A 103 -6.91 12.43 -1.94
C PRO A 103 -7.43 11.49 -0.86
N THR A 104 -7.73 10.25 -1.23
CA THR A 104 -7.88 9.20 -0.20
C THR A 104 -6.52 8.98 0.46
N ARG A 105 -6.52 8.46 1.68
CA ARG A 105 -5.26 8.35 2.40
C ARG A 105 -5.30 7.21 3.40
N SER A 106 -4.14 6.61 3.64
CA SER A 106 -3.91 5.75 4.80
C SER A 106 -2.70 6.30 5.53
N CYS A 107 -2.72 6.22 6.86
CA CYS A 107 -1.59 6.70 7.64
C CYS A 107 -1.38 5.71 8.77
N VAL A 108 -0.18 5.19 8.84
CA VAL A 108 0.15 4.22 9.90
C VAL A 108 1.53 4.50 10.47
N GLN A 109 1.72 4.15 11.74
CA GLN A 109 3.06 4.31 12.34
C GLN A 109 3.84 3.01 12.21
N VAL A 110 4.87 3.04 11.38
CA VAL A 110 5.76 1.88 11.20
C VAL A 110 6.90 1.92 12.25
N ALA A 111 7.77 0.91 12.28
CA ALA A 111 8.91 0.92 13.21
C ALA A 111 10.03 1.87 12.81
N ARG A 112 10.35 1.88 11.52
CA ARG A 112 11.52 2.62 11.04
C ARG A 112 11.41 2.75 9.53
N LEU A 113 12.10 3.74 8.98
CA LEU A 113 12.07 3.99 7.54
C LEU A 113 13.50 4.10 6.98
N PRO A 114 13.65 3.86 5.68
CA PRO A 114 14.94 4.11 5.06
C PRO A 114 15.50 5.48 5.42
N LYS A 115 16.80 5.47 5.67
CA LYS A 115 17.54 6.69 6.04
C LYS A 115 17.06 7.35 7.31
N ASP A 116 16.30 6.60 8.13
CA ASP A 116 15.86 7.08 9.44
C ASP A 116 15.00 8.33 9.37
N VAL A 117 14.27 8.48 8.27
CA VAL A 117 13.33 9.60 8.13
C VAL A 117 12.05 9.40 8.94
N LYS A 118 11.31 10.49 9.16
CA LYS A 118 10.09 10.44 9.97
C LYS A 118 8.83 10.04 9.17
N LEU A 119 8.90 10.11 7.85
CA LEU A 119 7.77 9.75 7.00
C LEU A 119 8.23 9.39 5.61
N GLU A 120 7.39 8.63 4.94
CA GLU A 120 7.60 8.20 3.55
C GLU A 120 6.21 8.22 2.91
N ILE A 121 6.08 8.90 1.78
CA ILE A 121 4.74 9.10 1.18
C ILE A 121 4.73 8.53 -0.24
N GLU A 122 3.85 7.57 -0.50
CA GLU A 122 3.63 7.13 -1.87
C GLU A 122 2.33 7.69 -2.44
N ALA A 123 2.30 7.96 -3.75
CA ALA A 123 1.10 8.52 -4.36
C ALA A 123 0.68 7.77 -5.62
N ILE A 124 -0.63 7.81 -5.89
CA ILE A 124 -1.18 7.36 -7.17
C ILE A 124 -2.01 8.53 -7.71
N ALA A 125 -1.76 8.85 -8.97
CA ALA A 125 -2.43 9.99 -9.62
C ALA A 125 -3.10 9.48 -10.89
N VAL A 126 -4.13 10.19 -11.33
CA VAL A 126 -4.83 9.84 -12.57
C VAL A 126 -4.80 11.02 -13.53
N ARG A 127 -4.70 10.70 -14.82
CA ARG A 127 -4.72 11.69 -15.89
C ARG A 127 -6.18 11.82 -16.30
N SER A 128 -6.73 13.02 -16.16
CA SER A 128 -8.17 13.22 -16.47
C SER A 128 -8.43 13.55 -17.94
N LYS B 2 -12.90 11.57 -12.14
CA LYS B 2 -12.83 11.27 -10.68
C LYS B 2 -13.91 11.99 -9.91
N LYS B 3 -14.34 11.35 -8.82
CA LYS B 3 -15.49 11.77 -8.05
C LYS B 3 -15.27 11.33 -6.62
N ILE B 4 -15.40 12.27 -5.70
CA ILE B 4 -15.30 11.99 -4.25
C ILE B 4 -16.52 11.18 -3.80
N ILE B 5 -16.26 10.19 -2.94
CA ILE B 5 -17.32 9.43 -2.28
C ILE B 5 -17.51 9.96 -0.87
N GLU B 6 -18.76 10.28 -0.53
CA GLU B 6 -19.08 10.74 0.81
C GLU B 6 -20.28 9.94 1.30
N THR B 7 -20.21 9.50 2.55
CA THR B 7 -21.32 8.75 3.14
C THR B 7 -21.37 8.95 4.65
N GLN B 8 -22.59 9.04 5.17
CA GLN B 8 -22.80 9.11 6.60
C GLN B 8 -22.68 7.76 7.29
N ARG B 9 -22.61 6.70 6.50
CA ARG B 9 -22.58 5.34 7.04
C ARG B 9 -21.14 4.85 7.36
N ALA B 10 -20.15 5.71 7.10
CA ALA B 10 -18.80 5.52 7.64
C ALA B 10 -18.38 6.80 8.36
N PRO B 11 -17.37 6.72 9.27
CA PRO B 11 -16.96 7.91 10.00
C PRO B 11 -16.45 9.01 9.06
N GLY B 12 -16.61 10.27 9.45
CA GLY B 12 -15.93 11.40 8.76
C GLY B 12 -14.40 11.36 8.85
N ALA B 13 -13.72 12.06 7.93
CA ALA B 13 -12.24 12.10 7.94
C ALA B 13 -11.63 12.69 9.23
N ILE B 14 -10.59 12.04 9.76
CA ILE B 14 -9.85 12.56 10.94
C ILE B 14 -8.61 13.37 10.53
N GLY B 15 -8.45 13.55 9.22
CA GLY B 15 -7.36 14.36 8.67
C GLY B 15 -7.79 14.90 7.31
N PRO B 16 -6.90 15.60 6.59
CA PRO B 16 -7.18 16.15 5.24
C PRO B 16 -7.21 15.06 4.15
N TYR B 17 -8.32 14.31 4.10
CA TYR B 17 -8.53 13.27 3.12
C TYR B 17 -10.02 13.09 2.91
N VAL B 18 -10.39 12.39 1.85
CA VAL B 18 -11.79 12.07 1.61
C VAL B 18 -12.00 10.59 1.85
N GLN B 19 -13.25 10.19 2.10
CA GLN B 19 -13.52 8.75 2.41
C GLN B 19 -13.18 7.81 1.27
N GLY B 20 -13.52 8.18 0.04
CA GLY B 20 -13.24 7.32 -1.09
C GLY B 20 -13.19 8.19 -2.32
N VAL B 21 -12.64 7.62 -3.39
CA VAL B 21 -12.65 8.27 -4.70
C VAL B 21 -13.06 7.23 -5.73
N ASP B 22 -13.92 7.64 -6.66
CA ASP B 22 -14.41 6.76 -7.71
C ASP B 22 -13.88 7.25 -9.07
N LEU B 23 -13.06 6.43 -9.71
CA LEU B 23 -12.37 6.81 -10.93
C LEU B 23 -13.12 6.29 -12.14
N GLY B 24 -14.27 5.68 -11.92
CA GLY B 24 -15.05 5.05 -12.98
C GLY B 24 -14.85 3.54 -13.06
N SER B 25 -13.62 3.13 -13.34
CA SER B 25 -13.30 1.71 -13.46
C SER B 25 -12.94 1.12 -12.09
N MET B 26 -12.53 2.00 -11.18
CA MET B 26 -11.92 1.60 -9.92
C MET B 26 -12.29 2.56 -8.79
N VAL B 27 -12.51 2.01 -7.61
CA VAL B 27 -12.79 2.83 -6.40
C VAL B 27 -11.69 2.57 -5.37
N PHE B 28 -11.14 3.66 -4.82
CA PHE B 28 -10.19 3.56 -3.69
C PHE B 28 -10.83 4.08 -2.43
N THR B 29 -10.66 3.36 -1.31
CA THR B 29 -11.05 3.93 0.00
C THR B 29 -9.81 4.42 0.77
N SER B 30 -10.04 5.40 1.64
CA SER B 30 -9.06 5.71 2.67
C SER B 30 -8.98 4.52 3.62
N GLY B 31 -7.90 4.45 4.40
CA GLY B 31 -7.81 3.39 5.42
C GLY B 31 -8.89 3.62 6.48
N GLN B 32 -9.66 2.56 6.72
CA GLN B 32 -10.79 2.63 7.65
C GLN B 32 -10.43 2.06 9.00
N ILE B 33 -10.61 2.87 10.02
CA ILE B 33 -10.41 2.43 11.39
C ILE B 33 -11.78 2.15 12.06
N PRO B 34 -11.77 1.33 13.12
CA PRO B 34 -12.99 0.90 13.82
C PRO B 34 -13.58 1.95 14.73
N VAL B 35 -13.93 3.09 14.14
CA VAL B 35 -14.74 4.10 14.84
C VAL B 35 -16.20 3.91 14.40
N OCS B 36 -17.10 3.89 15.36
CA OCS B 36 -18.49 3.67 15.07
CB OCS B 36 -19.17 3.19 16.35
SG OCS B 36 -20.81 2.60 16.07
C OCS B 36 -19.10 5.00 14.57
O OCS B 36 -18.98 6.01 15.26
OD1 OCS B 36 -21.23 1.97 17.29
OD2 OCS B 36 -21.63 3.72 15.77
OD3 OCS B 36 -20.79 1.66 14.98
N PRO B 37 -19.69 5.02 13.36
CA PRO B 37 -20.16 6.32 12.80
C PRO B 37 -21.30 6.96 13.58
N GLN B 38 -21.95 6.20 14.44
CA GLN B 38 -23.07 6.79 15.21
C GLN B 38 -22.61 7.35 16.55
N THR B 39 -21.47 6.86 17.04
CA THR B 39 -21.01 7.24 18.37
C THR B 39 -19.63 7.92 18.41
N GLY B 40 -18.82 7.76 17.37
CA GLY B 40 -17.45 8.33 17.39
C GLY B 40 -16.55 7.54 18.33
N GLU B 41 -17.04 6.38 18.77
CA GLU B 41 -16.27 5.53 19.69
C GLU B 41 -15.76 4.23 19.06
N ILE B 42 -14.78 3.63 19.73
CA ILE B 42 -14.07 2.44 19.24
C ILE B 42 -14.38 1.28 20.16
N PRO B 43 -14.93 0.18 19.61
CA PRO B 43 -15.18 -0.97 20.51
C PRO B 43 -13.88 -1.62 20.99
N ALA B 44 -13.85 -2.11 22.23
CA ALA B 44 -12.59 -2.62 22.82
C ALA B 44 -12.16 -3.95 22.18
N ASP B 45 -13.12 -4.78 21.82
CA ASP B 45 -12.83 -6.16 21.41
C ASP B 45 -12.33 -6.20 19.95
N VAL B 46 -11.29 -6.97 19.68
CA VAL B 46 -10.72 -7.04 18.32
C VAL B 46 -11.71 -7.62 17.27
N GLN B 47 -12.61 -8.52 17.69
CA GLN B 47 -13.61 -9.02 16.76
C GLN B 47 -14.51 -7.90 16.32
N ASP B 48 -14.97 -7.10 17.29
CA ASP B 48 -15.84 -5.98 16.99
C ASP B 48 -15.09 -4.97 16.12
N GLN B 49 -13.83 -4.70 16.44
CA GLN B 49 -13.05 -3.76 15.61
C GLN B 49 -12.89 -4.25 14.17
N ALA B 50 -12.56 -5.53 14.03
CA ALA B 50 -12.40 -6.09 12.66
C ALA B 50 -13.70 -5.93 11.88
N ARG B 51 -14.83 -6.31 12.49
CA ARG B 51 -16.10 -6.20 11.78
C ARG B 51 -16.46 -4.75 11.43
N LEU B 52 -16.20 -3.84 12.36
CA LEU B 52 -16.55 -2.43 12.14
C LEU B 52 -15.66 -1.80 11.06
N SER B 53 -14.37 -2.10 11.05
CA SER B 53 -13.53 -1.57 9.96
C SER B 53 -14.07 -2.04 8.59
N LEU B 54 -14.45 -3.33 8.54
CA LEU B 54 -14.98 -3.88 7.31
C LEU B 54 -16.32 -3.21 6.91
N GLU B 55 -17.17 -2.96 7.90
CA GLU B 55 -18.48 -2.27 7.64
C GLU B 55 -18.23 -0.86 7.13
N ASN B 56 -17.20 -0.22 7.67
CA ASN B 56 -16.84 1.13 7.21
C ASN B 56 -16.36 1.15 5.76
N VAL B 57 -15.53 0.18 5.41
CA VAL B 57 -15.13 -0.03 4.01
C VAL B 57 -16.37 -0.29 3.14
N LYS B 58 -17.20 -1.24 3.58
CA LYS B 58 -18.42 -1.57 2.86
C LYS B 58 -19.27 -0.33 2.54
N ALA B 59 -19.48 0.53 3.56
CA ALA B 59 -20.31 1.74 3.43
C ALA B 59 -19.79 2.60 2.27
N ILE B 60 -18.46 2.71 2.16
CA ILE B 60 -17.89 3.58 1.14
C ILE B 60 -18.03 2.95 -0.24
N VAL B 61 -17.77 1.65 -0.32
CA VAL B 61 -17.88 0.95 -1.60
C VAL B 61 -19.34 0.96 -2.10
N VAL B 62 -20.27 0.76 -1.17
CA VAL B 62 -21.72 0.79 -1.48
C VAL B 62 -22.15 2.19 -1.92
N ALA B 63 -21.60 3.21 -1.28
CA ALA B 63 -21.96 4.59 -1.62
C ALA B 63 -21.55 4.91 -3.05
N ALA B 64 -20.53 4.21 -3.54
CA ALA B 64 -20.06 4.35 -4.91
C ALA B 64 -20.90 3.56 -5.91
N GLY B 65 -21.89 2.81 -5.43
CA GLY B 65 -22.69 1.93 -6.28
C GLY B 65 -22.09 0.55 -6.54
N LEU B 66 -21.07 0.19 -5.77
CA LEU B 66 -20.47 -1.14 -5.88
C LEU B 66 -20.88 -2.05 -4.72
N SER B 67 -20.37 -3.28 -4.71
CA SER B 67 -20.73 -4.22 -3.66
C SER B 67 -19.45 -4.83 -3.03
N VAL B 68 -19.61 -5.53 -1.91
CA VAL B 68 -18.46 -6.21 -1.30
C VAL B 68 -17.71 -7.11 -2.30
N GLY B 69 -18.47 -7.75 -3.19
CA GLY B 69 -17.92 -8.64 -4.19
C GLY B 69 -17.05 -7.97 -5.23
N ASP B 70 -17.05 -6.64 -5.25
CA ASP B 70 -16.26 -5.89 -6.21
C ASP B 70 -14.88 -5.53 -5.64
N ILE B 71 -14.68 -5.80 -4.35
CA ILE B 71 -13.40 -5.47 -3.72
C ILE B 71 -12.36 -6.47 -4.20
N ILE B 72 -11.22 -5.96 -4.71
CA ILE B 72 -10.21 -6.86 -5.27
C ILE B 72 -8.87 -6.84 -4.57
N LYS B 73 -8.63 -5.84 -3.71
CA LYS B 73 -7.40 -5.78 -2.91
C LYS B 73 -7.71 -5.07 -1.60
N MET B 74 -7.18 -5.60 -0.50
CA MET B 74 -7.23 -4.91 0.78
C MET B 74 -5.84 -4.94 1.39
N THR B 75 -5.52 -3.93 2.18
CA THR B 75 -4.34 -3.98 3.04
C THR B 75 -4.86 -3.86 4.44
N VAL B 76 -4.40 -4.78 5.29
CA VAL B 76 -4.85 -4.86 6.67
C VAL B 76 -3.64 -4.57 7.55
N PHE B 77 -3.58 -3.35 8.09
CA PHE B 77 -2.50 -2.99 9.04
C PHE B 77 -2.99 -3.30 10.43
N ILE B 78 -2.20 -4.02 11.22
CA ILE B 78 -2.67 -4.39 12.55
C ILE B 78 -1.60 -4.06 13.60
N THR B 79 -1.98 -4.01 14.89
CA THR B 79 -0.93 -3.73 15.89
C THR B 79 -0.47 -4.98 16.64
N ASP B 80 -1.14 -6.12 16.47
CA ASP B 80 -0.71 -7.35 17.15
C ASP B 80 -1.07 -8.60 16.36
N LEU B 81 -0.06 -9.24 15.73
CA LEU B 81 -0.27 -10.48 14.96
C LEU B 81 -0.77 -11.61 15.82
N ASN B 82 -0.69 -11.48 17.13
CA ASN B 82 -1.36 -12.48 17.95
C ASN B 82 -2.90 -12.47 17.75
N ASP B 83 -3.42 -11.34 17.24
CA ASP B 83 -4.84 -11.18 16.86
C ASP B 83 -5.16 -11.75 15.46
N PHE B 84 -4.16 -12.23 14.70
CA PHE B 84 -4.33 -12.56 13.26
C PHE B 84 -5.45 -13.56 13.02
N ALA B 85 -5.43 -14.64 13.80
CA ALA B 85 -6.38 -15.72 13.56
C ALA B 85 -7.80 -15.23 13.81
N THR B 86 -7.96 -14.43 14.85
CA THR B 86 -9.28 -13.91 15.21
C THR B 86 -9.75 -12.93 14.14
N ILE B 87 -8.90 -12.00 13.77
CA ILE B 87 -9.22 -11.06 12.67
C ILE B 87 -9.61 -11.83 11.40
N ASN B 88 -8.84 -12.88 11.06
CA ASN B 88 -9.10 -13.65 9.84
C ASN B 88 -10.46 -14.32 9.86
N GLU B 89 -10.85 -14.82 11.01
CA GLU B 89 -12.17 -15.43 11.09
C GLU B 89 -13.30 -14.43 10.83
N VAL B 90 -13.17 -13.24 11.41
CA VAL B 90 -14.20 -12.21 11.21
C VAL B 90 -14.22 -11.74 9.75
N TYR B 91 -13.03 -11.61 9.19
CA TYR B 91 -12.86 -11.13 7.81
C TYR B 91 -13.40 -12.17 6.83
N LYS B 92 -13.08 -13.44 7.06
CA LYS B 92 -13.59 -14.54 6.22
C LYS B 92 -15.13 -14.56 6.24
N GLN B 93 -15.70 -14.49 7.44
CA GLN B 93 -17.17 -14.52 7.58
C GLN B 93 -17.80 -13.35 6.83
N PHE B 94 -17.19 -12.16 6.95
CA PHE B 94 -17.70 -10.98 6.26
C PHE B 94 -17.81 -11.20 4.74
N PHE B 95 -16.77 -11.77 4.12
CA PHE B 95 -16.82 -12.01 2.68
C PHE B 95 -17.78 -13.15 2.36
N ASP B 96 -17.77 -14.18 3.20
CA ASP B 96 -18.66 -15.33 3.01
C ASP B 96 -20.13 -14.92 3.04
N GLU B 97 -20.50 -14.00 3.95
CA GLU B 97 -21.88 -13.48 4.10
C GLU B 97 -22.38 -12.80 2.84
N HIS B 98 -21.44 -12.21 2.10
CA HIS B 98 -21.81 -11.46 0.92
C HIS B 98 -21.60 -12.30 -0.35
N GLN B 99 -21.33 -13.59 -0.18
CA GLN B 99 -21.05 -14.52 -1.30
C GLN B 99 -19.94 -13.98 -2.23
N ALA B 100 -18.93 -13.37 -1.62
CA ALA B 100 -17.90 -12.66 -2.35
C ALA B 100 -16.58 -13.41 -2.33
N THR B 101 -15.91 -13.43 -3.47
CA THR B 101 -14.57 -13.98 -3.60
C THR B 101 -13.63 -13.18 -2.66
N TYR B 102 -12.70 -13.84 -1.99
CA TYR B 102 -11.74 -13.08 -1.17
C TYR B 102 -10.86 -12.21 -2.04
N PRO B 103 -10.64 -10.95 -1.63
CA PRO B 103 -9.69 -10.10 -2.39
C PRO B 103 -8.24 -10.57 -2.26
N THR B 104 -7.33 -9.98 -3.03
CA THR B 104 -5.91 -10.11 -2.68
C THR B 104 -5.69 -9.29 -1.40
N ARG B 105 -4.65 -9.60 -0.67
CA ARG B 105 -4.44 -8.97 0.62
C ARG B 105 -2.98 -8.93 1.02
N SER B 106 -2.61 -7.87 1.76
CA SER B 106 -1.41 -7.90 2.56
C SER B 106 -1.80 -7.58 4.00
N CYS B 107 -1.08 -8.17 4.94
CA CYS B 107 -1.36 -7.98 6.36
C CYS B 107 -0.02 -7.87 7.04
N VAL B 108 0.17 -6.78 7.78
CA VAL B 108 1.44 -6.54 8.43
C VAL B 108 1.17 -5.94 9.81
N GLN B 109 2.08 -6.19 10.75
CA GLN B 109 1.95 -5.57 12.08
C GLN B 109 2.74 -4.29 12.13
N VAL B 110 2.05 -3.18 12.25
CA VAL B 110 2.71 -1.88 12.40
C VAL B 110 2.90 -1.57 13.88
N ALA B 111 3.55 -0.45 14.18
CA ALA B 111 3.75 -0.09 15.59
C ALA B 111 2.50 0.48 16.26
N ARG B 112 1.80 1.37 15.56
CA ARG B 112 0.68 2.11 16.15
C ARG B 112 -0.24 2.59 15.03
N LEU B 113 -1.52 2.75 15.36
CA LEU B 113 -2.50 3.23 14.39
C LEU B 113 -3.25 4.44 14.98
N PRO B 114 -3.84 5.26 14.10
CA PRO B 114 -4.63 6.40 14.58
C PRO B 114 -5.65 5.99 15.66
N LYS B 115 -5.74 6.82 16.70
CA LYS B 115 -6.66 6.59 17.82
C LYS B 115 -6.41 5.27 18.57
N ASP B 116 -5.22 4.70 18.37
CA ASP B 116 -4.81 3.48 19.06
C ASP B 116 -5.72 2.29 18.78
N VAL B 117 -6.33 2.29 17.59
CA VAL B 117 -7.11 1.12 17.17
C VAL B 117 -6.19 -0.08 16.89
N LYS B 118 -6.80 -1.24 16.77
CA LYS B 118 -6.02 -2.46 16.59
C LYS B 118 -5.81 -2.86 15.13
N LEU B 119 -6.60 -2.25 14.22
CA LEU B 119 -6.42 -2.50 12.81
C LEU B 119 -6.97 -1.33 11.99
N GLU B 120 -6.43 -1.25 10.78
CA GLU B 120 -6.89 -0.23 9.81
C GLU B 120 -6.92 -0.94 8.47
N ILE B 121 -8.00 -0.77 7.70
CA ILE B 121 -8.11 -1.52 6.45
C ILE B 121 -8.42 -0.57 5.30
N GLU B 122 -7.62 -0.66 4.23
CA GLU B 122 -7.92 0.10 3.00
C GLU B 122 -8.33 -0.86 1.90
N ALA B 123 -9.12 -0.40 0.95
CA ALA B 123 -9.61 -1.28 -0.08
C ALA B 123 -9.50 -0.64 -1.44
N ILE B 124 -9.38 -1.49 -2.45
CA ILE B 124 -9.55 -1.11 -3.86
C ILE B 124 -10.67 -2.03 -4.42
N ALA B 125 -11.67 -1.42 -5.06
CA ALA B 125 -12.77 -2.13 -5.71
C ALA B 125 -12.77 -1.83 -7.20
N VAL B 126 -13.30 -2.75 -8.00
CA VAL B 126 -13.47 -2.45 -9.44
C VAL B 126 -14.92 -2.56 -9.86
N ARG B 127 -15.28 -1.74 -10.84
CA ARG B 127 -16.63 -1.73 -11.42
C ARG B 127 -16.66 -2.69 -12.62
N SER B 128 -15.91 -2.42 -13.68
CA SER B 128 -15.82 -3.40 -14.80
C SER B 128 -14.51 -3.27 -15.59
N LYS C 2 -12.12 -9.95 -13.83
CA LYS C 2 -11.89 -10.06 -12.35
C LYS C 2 -11.46 -11.52 -12.02
N LYS C 3 -10.55 -12.03 -12.85
CA LYS C 3 -10.10 -13.43 -12.82
C LYS C 3 -9.18 -13.68 -11.62
N ILE C 4 -9.46 -14.73 -10.85
CA ILE C 4 -8.58 -15.14 -9.76
C ILE C 4 -7.37 -15.84 -10.33
N ILE C 5 -6.22 -15.58 -9.74
CA ILE C 5 -4.99 -16.27 -10.12
C ILE C 5 -4.67 -17.31 -9.06
N GLU C 6 -4.44 -18.54 -9.52
CA GLU C 6 -4.07 -19.64 -8.64
C GLU C 6 -2.92 -20.41 -9.27
N THR C 7 -1.83 -20.53 -8.53
CA THR C 7 -0.64 -21.27 -8.99
C THR C 7 0.01 -22.08 -7.88
N GLN C 8 0.53 -23.25 -8.24
CA GLN C 8 1.27 -24.10 -7.29
C GLN C 8 2.70 -23.63 -7.09
N ARG C 9 3.11 -22.65 -7.91
CA ARG C 9 4.47 -22.08 -7.81
C ARG C 9 4.60 -20.95 -6.78
N ALA C 10 3.49 -20.62 -6.10
CA ALA C 10 3.48 -19.75 -4.91
C ALA C 10 2.72 -20.48 -3.80
N PRO C 11 3.02 -20.15 -2.53
CA PRO C 11 2.37 -20.86 -1.43
C PRO C 11 0.87 -20.66 -1.43
N GLY C 12 0.15 -21.67 -0.95
CA GLY C 12 -1.29 -21.52 -0.71
C GLY C 12 -1.52 -20.43 0.33
N ALA C 13 -2.69 -19.79 0.28
CA ALA C 13 -3.04 -18.70 1.19
C ALA C 13 -3.04 -19.14 2.66
N ILE C 14 -2.48 -18.31 3.55
CA ILE C 14 -2.54 -18.60 4.99
C ILE C 14 -3.70 -17.84 5.68
N GLY C 15 -4.55 -17.23 4.87
CA GLY C 15 -5.75 -16.63 5.38
C GLY C 15 -6.82 -16.48 4.26
N PRO C 16 -7.86 -15.70 4.54
CA PRO C 16 -8.98 -15.50 3.61
C PRO C 16 -8.61 -14.50 2.49
N TYR C 17 -7.81 -14.97 1.53
CA TYR C 17 -7.38 -14.15 0.40
C TYR C 17 -7.01 -15.05 -0.76
N VAL C 18 -6.97 -14.48 -1.95
CA VAL C 18 -6.49 -15.20 -3.16
C VAL C 18 -5.07 -14.71 -3.50
N GLN C 19 -4.32 -15.55 -4.21
CA GLN C 19 -2.92 -15.21 -4.50
C GLN C 19 -2.77 -13.96 -5.38
N GLY C 20 -3.66 -13.83 -6.36
CA GLY C 20 -3.61 -12.69 -7.30
C GLY C 20 -4.98 -12.51 -7.92
N VAL C 21 -5.22 -11.32 -8.48
CA VAL C 21 -6.42 -11.06 -9.25
C VAL C 21 -5.99 -10.37 -10.54
N ASP C 22 -6.57 -10.80 -11.66
CA ASP C 22 -6.27 -10.26 -12.97
C ASP C 22 -7.49 -9.48 -13.45
N LEU C 23 -7.33 -8.17 -13.58
CA LEU C 23 -8.41 -7.26 -13.94
C LEU C 23 -8.45 -6.99 -15.43
N GLY C 24 -7.53 -7.62 -16.17
CA GLY C 24 -7.41 -7.42 -17.61
C GLY C 24 -6.28 -6.46 -17.94
N SER C 25 -6.40 -5.22 -17.47
CA SER C 25 -5.39 -4.18 -17.65
C SER C 25 -4.25 -4.28 -16.59
N MET C 26 -4.56 -4.91 -15.47
CA MET C 26 -3.71 -4.82 -14.28
C MET C 26 -3.86 -6.09 -13.47
N VAL C 27 -2.74 -6.53 -12.88
CA VAL C 27 -2.73 -7.68 -11.99
C VAL C 27 -2.24 -7.22 -10.62
N PHE C 28 -2.97 -7.59 -9.56
CA PHE C 28 -2.50 -7.37 -8.18
C PHE C 28 -2.14 -8.70 -7.53
N THR C 29 -1.02 -8.75 -6.80
CA THR C 29 -0.74 -9.94 -5.98
C THR C 29 -1.02 -9.63 -4.51
N SER C 30 -1.31 -10.70 -3.77
CA SER C 30 -1.26 -10.60 -2.30
C SER C 30 0.19 -10.44 -1.88
N GLY C 31 0.41 -10.00 -0.62
CA GLY C 31 1.79 -9.88 -0.12
C GLY C 31 2.36 -11.29 0.00
N GLN C 32 3.57 -11.46 -0.55
CA GLN C 32 4.21 -12.78 -0.56
C GLN C 32 5.28 -12.86 0.49
N ILE C 33 5.21 -13.91 1.30
CA ILE C 33 6.21 -14.16 2.32
C ILE C 33 7.14 -15.30 1.86
N PRO C 34 8.36 -15.36 2.42
CA PRO C 34 9.30 -16.39 1.99
C PRO C 34 9.00 -17.82 2.50
N VAL C 35 7.86 -18.37 2.07
CA VAL C 35 7.49 -19.75 2.35
C VAL C 35 7.67 -20.51 1.04
N OCS C 36 8.36 -21.63 1.12
CA OCS C 36 8.64 -22.42 -0.06
CB OCS C 36 9.82 -23.37 0.25
SG OCS C 36 10.42 -24.26 -1.18
C OCS C 36 7.35 -23.17 -0.45
O OCS C 36 6.75 -23.84 0.38
OD1 OCS C 36 9.33 -25.13 -1.50
OD2 OCS C 36 10.74 -23.35 -2.20
OD3 OCS C 36 11.59 -24.99 -0.77
N PRO C 37 6.88 -22.98 -1.72
CA PRO C 37 5.58 -23.51 -2.16
C PRO C 37 5.48 -25.04 -2.13
N GLN C 38 6.61 -25.71 -2.30
CA GLN C 38 6.72 -27.20 -2.28
C GLN C 38 6.81 -27.78 -0.85
N THR C 39 7.68 -27.19 -0.02
CA THR C 39 8.00 -27.79 1.28
C THR C 39 7.28 -27.14 2.46
N GLY C 40 6.83 -25.89 2.27
CA GLY C 40 6.25 -25.10 3.35
C GLY C 40 7.29 -24.46 4.24
N GLU C 41 8.56 -24.69 3.92
CA GLU C 41 9.66 -24.22 4.79
C GLU C 41 10.07 -22.78 4.51
N ILE C 42 10.52 -22.12 5.58
CA ILE C 42 11.07 -20.75 5.48
C ILE C 42 12.58 -20.79 5.62
N PRO C 43 13.32 -20.35 4.58
CA PRO C 43 14.79 -20.35 4.67
C PRO C 43 15.29 -19.40 5.78
N ALA C 44 16.37 -19.79 6.46
CA ALA C 44 16.88 -18.98 7.57
C ALA C 44 17.54 -17.66 7.19
N ASP C 45 18.27 -17.64 6.08
CA ASP C 45 19.08 -16.48 5.70
C ASP C 45 18.19 -15.47 4.95
N VAL C 46 18.38 -14.20 5.24
CA VAL C 46 17.60 -13.16 4.58
C VAL C 46 17.84 -13.03 3.06
N GLN C 47 19.06 -13.34 2.57
CA GLN C 47 19.29 -13.35 1.12
C GLN C 47 18.33 -14.35 0.48
N ASP C 48 18.21 -15.52 1.11
CA ASP C 48 17.33 -16.57 0.61
C ASP C 48 15.85 -16.23 0.76
N GLN C 49 15.48 -15.58 1.88
CA GLN C 49 14.09 -15.13 2.04
C GLN C 49 13.71 -14.10 0.96
N ALA C 50 14.61 -13.18 0.68
CA ALA C 50 14.34 -12.12 -0.32
C ALA C 50 14.15 -12.76 -1.70
N ARG C 51 15.03 -13.69 -2.06
CA ARG C 51 14.90 -14.32 -3.37
C ARG C 51 13.57 -15.09 -3.46
N LEU C 52 13.22 -15.82 -2.40
CA LEU C 52 12.03 -16.62 -2.39
C LEU C 52 10.74 -15.76 -2.44
N SER C 53 10.69 -14.66 -1.68
CA SER C 53 9.50 -13.79 -1.75
C SER C 53 9.34 -13.28 -3.19
N LEU C 54 10.46 -12.90 -3.82
CA LEU C 54 10.39 -12.40 -5.17
C LEU C 54 9.95 -13.51 -6.16
N GLU C 55 10.47 -14.73 -5.99
CA GLU C 55 10.02 -15.86 -6.86
C GLU C 55 8.52 -16.14 -6.70
N ASN C 56 8.03 -16.02 -5.46
CA ASN C 56 6.61 -16.19 -5.18
C ASN C 56 5.75 -15.12 -5.88
N VAL C 57 6.22 -13.87 -5.84
CA VAL C 57 5.56 -12.82 -6.60
C VAL C 57 5.58 -13.15 -8.11
N LYS C 58 6.76 -13.50 -8.64
CA LYS C 58 6.94 -13.81 -10.05
C LYS C 58 5.96 -14.92 -10.48
N ALA C 59 5.85 -15.96 -9.66
CA ALA C 59 4.96 -17.12 -9.97
C ALA C 59 3.53 -16.63 -10.26
N ILE C 60 3.05 -15.69 -9.45
CA ILE C 60 1.68 -15.20 -9.60
C ILE C 60 1.56 -14.33 -10.84
N VAL C 61 2.55 -13.44 -11.05
CA VAL C 61 2.55 -12.57 -12.23
C VAL C 61 2.62 -13.44 -13.50
N VAL C 62 3.50 -14.44 -13.50
CA VAL C 62 3.62 -15.33 -14.68
C VAL C 62 2.36 -16.19 -14.88
N ALA C 63 1.72 -16.59 -13.78
CA ALA C 63 0.49 -17.37 -13.87
C ALA C 63 -0.61 -16.60 -14.57
N ALA C 64 -0.57 -15.26 -14.46
CA ALA C 64 -1.53 -14.38 -15.10
C ALA C 64 -1.18 -14.14 -16.56
N GLY C 65 -0.01 -14.65 -17.00
CA GLY C 65 0.45 -14.44 -18.38
C GLY C 65 1.30 -13.20 -18.56
N LEU C 66 1.82 -12.64 -17.46
CA LEU C 66 2.68 -11.47 -17.52
C LEU C 66 4.14 -11.80 -17.19
N SER C 67 5.03 -10.83 -17.33
CA SER C 67 6.45 -11.04 -17.08
C SER C 67 6.95 -10.16 -15.94
N VAL C 68 8.14 -10.46 -15.45
CA VAL C 68 8.75 -9.63 -14.38
C VAL C 68 8.81 -8.15 -14.85
N GLY C 69 9.08 -7.94 -16.14
CA GLY C 69 9.15 -6.59 -16.71
C GLY C 69 7.84 -5.84 -16.78
N ASP C 70 6.73 -6.52 -16.49
CA ASP C 70 5.40 -5.87 -16.46
C ASP C 70 5.07 -5.39 -15.04
N ILE C 71 5.92 -5.74 -14.08
CA ILE C 71 5.70 -5.25 -12.69
C ILE C 71 6.03 -3.75 -12.64
N ILE C 72 5.09 -2.96 -12.13
CA ILE C 72 5.26 -1.51 -12.15
C ILE C 72 5.33 -0.89 -10.75
N LYS C 73 4.89 -1.62 -9.74
CA LYS C 73 4.98 -1.13 -8.33
C LYS C 73 5.12 -2.32 -7.40
N MET C 74 6.01 -2.20 -6.42
CA MET C 74 6.12 -3.20 -5.36
C MET C 74 6.14 -2.46 -4.03
N THR C 75 5.68 -3.13 -3.00
CA THR C 75 5.92 -2.65 -1.64
C THR C 75 6.66 -3.75 -0.90
N VAL C 76 7.75 -3.39 -0.22
CA VAL C 76 8.58 -4.35 0.49
C VAL C 76 8.52 -3.98 1.95
N PHE C 77 7.83 -4.82 2.73
CA PHE C 77 7.75 -4.63 4.18
C PHE C 77 8.85 -5.48 4.77
N ILE C 78 9.68 -4.91 5.63
CA ILE C 78 10.77 -5.67 6.22
C ILE C 78 10.73 -5.51 7.74
N THR C 79 11.43 -6.39 8.46
CA THR C 79 11.46 -6.26 9.94
C THR C 79 12.77 -5.70 10.51
N ASP C 80 13.79 -5.58 9.68
CA ASP C 80 15.08 -5.12 10.15
C ASP C 80 15.87 -4.37 9.07
N LEU C 81 16.01 -3.06 9.21
CA LEU C 81 16.75 -2.26 8.22
C LEU C 81 18.22 -2.66 8.09
N ASN C 82 18.76 -3.41 9.06
CA ASN C 82 20.11 -3.96 8.90
C ASN C 82 20.20 -4.92 7.70
N ASP C 83 19.03 -5.45 7.30
CA ASP C 83 18.92 -6.41 6.19
C ASP C 83 18.77 -5.70 4.84
N PHE C 84 18.57 -4.39 4.87
CA PHE C 84 18.20 -3.60 3.67
C PHE C 84 19.17 -3.73 2.50
N ALA C 85 20.49 -3.60 2.77
CA ALA C 85 21.48 -3.69 1.68
C ALA C 85 21.45 -5.08 1.05
N THR C 86 21.33 -6.12 1.87
CA THR C 86 21.25 -7.49 1.36
C THR C 86 20.01 -7.71 0.52
N ILE C 87 18.87 -7.26 1.03
CA ILE C 87 17.62 -7.37 0.26
C ILE C 87 17.71 -6.62 -1.07
N ASN C 88 18.27 -5.41 -1.03
CA ASN C 88 18.39 -4.61 -2.26
C ASN C 88 19.25 -5.30 -3.30
N GLU C 89 20.35 -5.92 -2.85
CA GLU C 89 21.20 -6.65 -3.79
C GLU C 89 20.47 -7.83 -4.47
N VAL C 90 19.74 -8.64 -3.69
CA VAL C 90 18.93 -9.73 -4.24
C VAL C 90 17.87 -9.19 -5.20
N TYR C 91 17.18 -8.14 -4.78
CA TYR C 91 16.12 -7.53 -5.55
C TYR C 91 16.65 -6.96 -6.87
N LYS C 92 17.74 -6.22 -6.81
CA LYS C 92 18.38 -5.68 -8.03
C LYS C 92 18.75 -6.82 -8.98
N GLN C 93 19.43 -7.84 -8.46
CA GLN C 93 19.87 -8.97 -9.31
C GLN C 93 18.67 -9.72 -9.92
N PHE C 94 17.57 -9.78 -9.17
CA PHE C 94 16.34 -10.42 -9.65
C PHE C 94 15.80 -9.71 -10.90
N PHE C 95 15.68 -8.38 -10.83
CA PHE C 95 15.20 -7.62 -11.98
C PHE C 95 16.22 -7.65 -13.12
N ASP C 96 17.48 -7.53 -12.78
CA ASP C 96 18.55 -7.56 -13.79
C ASP C 96 18.54 -8.87 -14.56
N GLU C 97 18.29 -9.98 -13.87
CA GLU C 97 18.32 -11.30 -14.55
C GLU C 97 17.21 -11.43 -15.61
N HIS C 98 16.08 -10.76 -15.36
CA HIS C 98 14.94 -10.77 -16.26
C HIS C 98 14.97 -9.62 -17.28
N GLN C 99 16.09 -8.88 -17.33
CA GLN C 99 16.25 -7.69 -18.19
C GLN C 99 15.06 -6.72 -18.07
N ALA C 100 14.66 -6.50 -16.82
CA ALA C 100 13.46 -5.73 -16.50
C ALA C 100 13.89 -4.47 -15.79
N THR C 101 13.33 -3.34 -16.22
CA THR C 101 13.63 -2.07 -15.54
C THR C 101 12.96 -2.13 -14.16
N TYR C 102 13.53 -1.42 -13.19
CA TYR C 102 13.02 -1.53 -11.80
C TYR C 102 11.66 -0.86 -11.67
N PRO C 103 10.73 -1.51 -10.95
CA PRO C 103 9.45 -0.82 -10.74
C PRO C 103 9.56 0.32 -9.72
N THR C 104 8.46 1.05 -9.54
CA THR C 104 8.37 1.96 -8.38
C THR C 104 8.27 1.09 -7.13
N ARG C 105 8.67 1.67 -6.00
CA ARG C 105 8.77 0.86 -4.81
C ARG C 105 8.54 1.73 -3.58
N SER C 106 7.94 1.12 -2.57
CA SER C 106 7.98 1.67 -1.21
C SER C 106 8.59 0.60 -0.31
N CYS C 107 9.34 1.01 0.69
CA CYS C 107 9.94 0.05 1.63
C CYS C 107 9.87 0.64 3.02
N VAL C 108 9.39 -0.15 3.96
CA VAL C 108 9.22 0.34 5.34
C VAL C 108 9.57 -0.80 6.28
N GLN C 109 10.10 -0.45 7.46
CA GLN C 109 10.30 -1.47 8.49
C GLN C 109 9.06 -1.55 9.38
N VAL C 110 8.37 -2.69 9.35
CA VAL C 110 7.22 -2.92 10.22
C VAL C 110 7.68 -3.61 11.51
N ALA C 111 6.75 -3.77 12.47
CA ALA C 111 7.07 -4.42 13.72
C ALA C 111 7.21 -5.94 13.60
N ARG C 112 6.32 -6.56 12.82
CA ARG C 112 6.28 -8.02 12.72
C ARG C 112 5.53 -8.41 11.48
N LEU C 113 5.85 -9.58 10.94
CA LEU C 113 5.17 -10.12 9.76
C LEU C 113 4.61 -11.52 10.03
N PRO C 114 3.61 -11.93 9.23
CA PRO C 114 3.07 -13.31 9.36
C PRO C 114 4.20 -14.35 9.36
N LYS C 115 4.09 -15.35 10.25
CA LYS C 115 5.08 -16.44 10.34
C LYS C 115 6.46 -15.97 10.74
N ASP C 116 6.56 -14.74 11.24
CA ASP C 116 7.81 -14.17 11.72
C ASP C 116 8.92 -14.10 10.67
N VAL C 117 8.49 -13.98 9.40
CA VAL C 117 9.43 -13.81 8.29
C VAL C 117 10.10 -12.43 8.32
N LYS C 118 11.18 -12.28 7.55
CA LYS C 118 11.94 -11.03 7.60
C LYS C 118 11.45 -10.00 6.56
N LEU C 119 10.63 -10.46 5.60
CA LEU C 119 10.08 -9.53 4.61
C LEU C 119 8.82 -10.09 3.96
N GLU C 120 8.04 -9.19 3.39
CA GLU C 120 6.81 -9.54 2.65
C GLU C 120 6.74 -8.56 1.49
N ILE C 121 6.44 -9.06 0.29
CA ILE C 121 6.46 -8.21 -0.92
C ILE C 121 5.17 -8.35 -1.68
N GLU C 122 4.48 -7.24 -1.96
CA GLU C 122 3.30 -7.26 -2.83
C GLU C 122 3.61 -6.53 -4.13
N ALA C 123 2.89 -6.87 -5.19
CA ALA C 123 3.22 -6.31 -6.50
C ALA C 123 1.97 -5.93 -7.28
N ILE C 124 2.14 -4.98 -8.19
CA ILE C 124 1.11 -4.62 -9.15
C ILE C 124 1.82 -4.67 -10.51
N ALA C 125 1.19 -5.34 -11.47
CA ALA C 125 1.75 -5.43 -12.83
C ALA C 125 0.68 -4.97 -13.81
N VAL C 126 1.14 -4.55 -14.99
CA VAL C 126 0.23 -4.09 -16.04
C VAL C 126 0.44 -4.89 -17.30
N ARG C 127 -0.66 -5.12 -18.01
CA ARG C 127 -0.65 -5.78 -19.31
C ARG C 127 -0.78 -4.70 -20.37
N SER C 128 0.30 -4.59 -21.17
CA SER C 128 0.35 -3.76 -22.41
C SER C 128 0.58 -2.28 -22.13
C4 2KT D . -7.41 6.27 9.57
C3 2KT D . -6.89 7.59 9.05
C2 2KT D . -5.75 7.55 8.34
O3 2KT D . -5.15 6.40 8.14
C 2KT D . -5.15 8.74 7.77
OXT 2KT D . -5.00 9.72 8.51
O 2KT D . -4.78 8.70 6.57
C4 2KT E . 1.39 -12.99 4.00
C3 2KT E . -0.09 -13.02 4.29
C2 2KT E . -0.71 -11.84 4.45
O3 2KT E . -0.01 -10.73 4.40
C 2KT E . -2.14 -11.72 4.72
OXT 2KT E . -2.59 -12.47 5.60
O 2KT E . -2.81 -10.86 4.08
C4 2KT F . 12.19 5.58 0.18
C3 2KT F . 12.77 4.40 -0.55
C2 2KT F . 12.16 3.23 -0.39
O3 2KT F . 11.11 3.16 0.39
C 2KT F . 12.59 2.01 -1.06
OXT 2KT F . 13.76 1.62 -0.84
O 2KT F . 11.75 1.43 -1.80
#